data_3WW0
#
_entry.id   3WW0
#
_cell.length_a   85.483
_cell.length_b   85.483
_cell.length_c   68.943
_cell.angle_alpha   90.00
_cell.angle_beta   90.00
_cell.angle_gamma   120.00
#
_symmetry.space_group_name_H-M   'P 32'
#
loop_
_entity.id
_entity.type
_entity.pdbx_description
1 polymer 'Protein Hikeshi'
2 polymer 'Protein Hikeshi'
3 water water
#
loop_
_entity_poly.entity_id
_entity_poly.type
_entity_poly.pdbx_seq_one_letter_code
_entity_poly.pdbx_strand_id
1 'polypeptide(L)'
;GSMFGCLVAGRLVQTAAQQVAEDKFVFDLPDYESINHVVVFMLGTIPFPEGMGGSVYFSYPDSNGMPVWQLLGFVTNGKP
SAIFKISGLKSGEGSQHPAGAMNIVRTPSVAQIGISVELLDSMAQQTPVGNAAVSSVDSFTQFTQKMLDNFYNFASSFAV
SQAQMTPSPSEMFIPANVVLKWYENFQRRLAQNPLFWKT
;
A
2 'polypeptide(L)'
;SMFGCLVAGRLVQTAAQQVAEDKFVFDLPDYESINHVVVFMLGTIPFPEGMGGSVYFSYPDSNGMPVWQLLGFVTNGKPS
AIFKISGLKSGEGSQHPAGAMNIVRTPSVAQIGISVELLDSMAQQTPVGNAAVSSVDSFTQFTQKMLDNFYNFASSFAVS
QAQMTPSPSEMFIPANVVLKWYENFQRRLAQNPLFWKT
;
B
#
# COMPACT_ATOMS: atom_id res chain seq x y z
N GLY A 1 28.84 10.58 8.56
CA GLY A 1 28.10 10.79 9.79
C GLY A 1 26.79 10.03 9.86
N SER A 2 25.86 10.50 10.69
CA SER A 2 24.54 9.89 10.84
C SER A 2 23.52 10.65 10.02
N MET A 3 23.16 10.10 8.86
CA MET A 3 22.30 10.82 7.92
C MET A 3 21.03 10.05 7.55
N PHE A 4 20.89 8.85 8.11
CA PHE A 4 19.77 7.99 7.73
C PHE A 4 18.88 7.59 8.90
N GLY A 5 17.60 7.42 8.61
CA GLY A 5 16.63 6.92 9.57
C GLY A 5 15.95 5.68 9.03
N CYS A 6 15.60 4.77 9.93
CA CYS A 6 14.94 3.52 9.56
C CYS A 6 13.76 3.26 10.49
N LEU A 7 12.60 2.99 9.91
CA LEU A 7 11.38 2.87 10.69
C LEU A 7 10.57 1.64 10.32
N VAL A 8 10.18 0.88 11.35
CA VAL A 8 9.18 -0.16 11.20
C VAL A 8 7.96 0.23 12.03
N ALA A 9 6.78 0.20 11.42
CA ALA A 9 5.55 0.61 12.09
C ALA A 9 5.35 -0.12 13.41
N GLY A 10 5.09 0.63 14.47
CA GLY A 10 4.89 0.05 15.78
C GLY A 10 6.12 0.12 16.66
N ARG A 11 7.26 0.44 16.06
CA ARG A 11 8.51 0.51 16.81
C ARG A 11 9.08 1.93 16.81
N LEU A 12 10.13 2.14 17.61
CA LEU A 12 10.81 3.42 17.64
C LEU A 12 11.72 3.58 16.44
N VAL A 13 11.84 4.80 15.94
CA VAL A 13 12.74 5.10 14.83
C VAL A 13 14.19 4.82 15.19
N GLN A 14 14.89 4.12 14.30
CA GLN A 14 16.33 3.95 14.44
C GLN A 14 17.05 5.07 13.70
N THR A 15 18.03 5.69 14.36
CA THR A 15 18.80 6.76 13.75
C THR A 15 20.29 6.49 13.89
N ALA A 16 20.64 5.50 14.70
CA ALA A 16 22.03 5.11 14.89
C ALA A 16 22.33 3.82 14.12
N ALA A 17 22.93 3.97 12.94
CA ALA A 17 23.25 2.83 12.10
C ALA A 17 24.71 2.39 12.30
N GLN A 18 24.93 1.09 12.31
CA GLN A 18 26.28 0.55 12.38
C GLN A 18 26.99 0.80 11.05
N GLN A 19 28.14 1.47 11.12
CA GLN A 19 28.91 1.77 9.92
C GLN A 19 29.90 0.64 9.61
N VAL A 20 29.52 -0.23 8.68
CA VAL A 20 30.36 -1.37 8.31
C VAL A 20 31.39 -0.99 7.25
N ALA A 21 31.32 0.25 6.78
CA ALA A 21 32.26 0.78 5.81
C ALA A 21 32.18 2.30 5.77
N GLU A 22 33.02 2.91 4.93
CA GLU A 22 33.04 4.36 4.79
C GLU A 22 31.78 4.84 4.09
N ASP A 23 31.20 3.98 3.25
CA ASP A 23 30.03 4.33 2.48
C ASP A 23 28.88 3.33 2.66
N LYS A 24 28.85 2.65 3.80
CA LYS A 24 27.78 1.68 4.07
C LYS A 24 27.23 1.77 5.49
N PHE A 25 25.91 1.67 5.62
CA PHE A 25 25.24 1.73 6.91
C PHE A 25 24.27 0.56 7.05
N VAL A 26 24.17 0.01 8.27
CA VAL A 26 23.31 -1.16 8.49
C VAL A 26 22.43 -1.00 9.73
N PHE A 27 21.14 -1.27 9.57
CA PHE A 27 20.21 -1.33 10.70
C PHE A 27 19.82 -2.78 10.96
N ASP A 28 19.56 -3.12 12.21
CA ASP A 28 19.08 -4.45 12.56
C ASP A 28 17.57 -4.47 12.73
N LEU A 29 16.92 -5.48 12.17
CA LEU A 29 15.48 -5.65 12.32
C LEU A 29 15.15 -6.93 13.08
N PRO A 30 15.06 -6.84 14.41
CA PRO A 30 14.73 -8.00 15.26
C PRO A 30 13.30 -8.48 15.03
N ASP A 31 13.08 -9.79 15.15
CA ASP A 31 11.76 -10.39 14.96
C ASP A 31 11.14 -9.95 13.64
N TYR A 32 11.88 -10.15 12.55
CA TYR A 32 11.52 -9.57 11.26
C TYR A 32 10.40 -10.33 10.55
N GLU A 33 9.98 -11.46 11.11
CA GLU A 33 8.85 -12.20 10.55
C GLU A 33 7.56 -11.41 10.72
N SER A 34 7.59 -10.46 11.65
CA SER A 34 6.44 -9.62 11.95
C SER A 34 6.34 -8.44 10.98
N ILE A 35 7.41 -8.19 10.24
CA ILE A 35 7.53 -6.95 9.48
C ILE A 35 7.12 -7.09 8.01
N ASN A 36 6.22 -6.22 7.57
CA ASN A 36 5.80 -6.17 6.17
C ASN A 36 6.46 -5.01 5.43
N HIS A 37 6.51 -3.85 6.07
CA HIS A 37 7.06 -2.66 5.44
C HIS A 37 8.15 -2.01 6.30
N VAL A 38 9.09 -1.35 5.62
CA VAL A 38 10.14 -0.59 6.28
C VAL A 38 10.21 0.81 5.67
N VAL A 39 10.31 1.82 6.53
CA VAL A 39 10.45 3.19 6.05
C VAL A 39 11.90 3.66 6.21
N VAL A 40 12.59 3.84 5.09
CA VAL A 40 13.97 4.33 5.10
C VAL A 40 14.01 5.76 4.60
N PHE A 41 14.69 6.64 5.35
CA PHE A 41 14.69 8.05 5.00
C PHE A 41 15.95 8.79 5.46
N MET A 42 16.25 9.89 4.78
CA MET A 42 17.35 10.76 5.18
C MET A 42 16.91 11.61 6.38
N LEU A 43 17.86 11.88 7.28
CA LEU A 43 17.54 12.64 8.49
C LEU A 43 17.47 14.14 8.19
N GLY A 44 18.01 14.56 7.06
CA GLY A 44 17.99 15.96 6.67
C GLY A 44 19.19 16.72 7.17
N THR A 45 20.07 16.04 7.90
CA THR A 45 21.26 16.65 8.45
C THR A 45 22.38 16.74 7.41
N ILE A 46 22.63 15.62 6.74
CA ILE A 46 23.69 15.54 5.73
C ILE A 46 23.13 15.10 4.37
N PRO A 47 23.41 15.89 3.32
CA PRO A 47 22.99 15.50 1.98
C PRO A 47 23.99 14.54 1.35
N PHE A 48 23.60 13.89 0.26
CA PHE A 48 24.54 13.07 -0.50
C PHE A 48 25.56 13.98 -1.19
N PRO A 49 26.84 13.57 -1.17
CA PRO A 49 27.87 14.28 -1.93
C PRO A 49 27.53 14.31 -3.41
N GLU A 50 28.16 15.20 -4.17
CA GLU A 50 27.84 15.36 -5.59
C GLU A 50 28.03 14.05 -6.36
N GLY A 51 26.99 13.66 -7.10
CA GLY A 51 27.04 12.46 -7.91
C GLY A 51 26.68 11.20 -7.15
N MET A 52 26.32 11.35 -5.87
CA MET A 52 26.04 10.20 -5.02
C MET A 52 24.56 10.06 -4.68
N GLY A 53 24.18 8.84 -4.32
CA GLY A 53 22.83 8.54 -3.88
C GLY A 53 22.88 7.32 -2.98
N GLY A 54 21.71 6.82 -2.58
CA GLY A 54 21.66 5.69 -1.67
C GLY A 54 20.97 4.47 -2.26
N SER A 55 21.66 3.34 -2.25
CA SER A 55 21.06 2.07 -2.64
C SER A 55 20.64 1.29 -1.39
N VAL A 56 19.36 1.00 -1.28
CA VAL A 56 18.81 0.39 -0.07
C VAL A 56 18.66 -1.12 -0.20
N TYR A 57 19.30 -1.86 0.69
CA TYR A 57 19.29 -3.31 0.62
C TYR A 57 18.65 -3.96 1.85
N PHE A 58 18.14 -5.17 1.66
CA PHE A 58 17.57 -5.96 2.74
C PHE A 58 18.30 -7.30 2.83
N SER A 59 18.38 -7.87 4.04
CA SER A 59 19.13 -9.10 4.25
C SER A 59 18.48 -10.01 5.27
N TYR A 60 18.12 -11.23 4.85
CA TYR A 60 17.67 -12.25 5.79
C TYR A 60 18.66 -13.43 5.78
N PRO A 61 19.28 -13.70 6.93
CA PRO A 61 20.21 -14.82 7.04
C PRO A 61 19.51 -16.18 6.87
N ASP A 62 20.15 -17.09 6.14
CA ASP A 62 19.60 -18.42 5.93
C ASP A 62 20.44 -19.49 6.64
N MET A 66 23.21 -17.96 6.34
CA MET A 66 24.08 -16.87 5.94
C MET A 66 23.30 -15.75 5.27
N PRO A 67 23.93 -14.60 5.06
CA PRO A 67 23.17 -13.44 4.56
C PRO A 67 22.75 -13.56 3.09
N VAL A 68 21.90 -12.65 2.64
CA VAL A 68 21.57 -12.49 1.23
C VAL A 68 20.99 -11.10 0.99
N TRP A 69 21.72 -10.28 0.25
CA TRP A 69 21.34 -8.90 0.05
C TRP A 69 20.48 -8.68 -1.20
N GLN A 70 19.24 -8.28 -0.99
CA GLN A 70 18.32 -7.97 -2.08
C GLN A 70 18.09 -6.47 -2.18
N LEU A 71 18.30 -5.91 -3.38
CA LEU A 71 18.13 -4.49 -3.60
C LEU A 71 16.65 -4.10 -3.53
N LEU A 72 16.32 -3.19 -2.62
CA LEU A 72 14.93 -2.77 -2.43
C LEU A 72 14.57 -1.58 -3.31
N GLY A 73 15.46 -0.60 -3.36
CA GLY A 73 15.21 0.63 -4.09
C GLY A 73 16.27 1.66 -3.77
N PHE A 74 15.93 2.93 -3.91
CA PHE A 74 16.92 3.99 -3.73
C PHE A 74 16.41 5.16 -2.88
N VAL A 75 17.37 5.92 -2.34
CA VAL A 75 17.07 7.17 -1.65
C VAL A 75 18.06 8.23 -2.14
N THR A 76 17.54 9.41 -2.48
CA THR A 76 18.36 10.46 -3.07
C THR A 76 18.08 11.82 -2.43
N ASN A 77 18.81 12.85 -2.85
CA ASN A 77 18.59 14.20 -2.34
C ASN A 77 17.19 14.72 -2.70
N GLY A 78 16.72 14.37 -3.89
CA GLY A 78 15.41 14.79 -4.35
C GLY A 78 14.28 13.89 -3.89
N LYS A 79 14.62 12.63 -3.59
CA LYS A 79 13.66 11.69 -3.01
C LYS A 79 14.26 11.08 -1.74
N PRO A 80 14.24 11.85 -0.64
CA PRO A 80 14.95 11.51 0.60
C PRO A 80 14.20 10.57 1.54
N SER A 81 13.22 9.83 1.03
CA SER A 81 12.50 8.85 1.83
C SER A 81 11.77 7.84 0.95
N ALA A 82 11.54 6.65 1.49
CA ALA A 82 10.84 5.60 0.75
C ALA A 82 10.22 4.55 1.65
N ILE A 83 9.13 3.96 1.19
CA ILE A 83 8.51 2.82 1.86
C ILE A 83 8.74 1.56 1.03
N PHE A 84 9.32 0.55 1.65
CA PHE A 84 9.61 -0.70 0.96
C PHE A 84 8.84 -1.87 1.58
N LYS A 85 8.31 -2.76 0.74
CA LYS A 85 7.65 -3.95 1.25
C LYS A 85 8.67 -5.07 1.43
N ILE A 86 8.64 -5.68 2.61
CA ILE A 86 9.64 -6.66 3.01
C ILE A 86 9.03 -8.06 2.97
N SER A 87 7.71 -8.14 2.98
CA SER A 87 6.98 -9.40 2.87
C SER A 87 7.46 -10.21 1.67
N GLY A 88 7.72 -11.49 1.91
CA GLY A 88 8.32 -12.34 0.89
C GLY A 88 9.83 -12.26 1.01
N LEU A 89 10.44 -11.37 0.25
CA LEU A 89 11.85 -11.16 0.41
C LEU A 89 12.33 -9.98 -0.43
N SER A 109 16.08 -14.53 13.19
CA SER A 109 15.19 -13.60 13.87
C SER A 109 15.60 -12.15 13.60
N VAL A 110 16.85 -11.95 13.21
CA VAL A 110 17.37 -10.60 12.98
C VAL A 110 17.74 -10.36 11.53
N ALA A 111 16.92 -9.55 10.85
CA ALA A 111 17.22 -9.15 9.48
C ALA A 111 17.96 -7.81 9.47
N GLN A 112 18.44 -7.41 8.31
CA GLN A 112 19.21 -6.17 8.22
C GLN A 112 18.77 -5.28 7.06
N ILE A 113 18.81 -3.97 7.30
CA ILE A 113 18.63 -2.98 6.24
C ILE A 113 19.96 -2.33 5.95
N GLY A 114 20.42 -2.45 4.71
CA GLY A 114 21.70 -1.88 4.32
C GLY A 114 21.54 -0.69 3.40
N ILE A 115 22.30 0.37 3.66
CA ILE A 115 22.29 1.54 2.81
C ILE A 115 23.67 1.85 2.26
N SER A 116 23.84 1.65 0.96
CA SER A 116 25.13 1.89 0.32
C SER A 116 25.13 3.21 -0.45
N VAL A 117 26.09 4.07 -0.13
CA VAL A 117 26.25 5.32 -0.86
C VAL A 117 26.96 5.06 -2.17
N GLU A 118 26.23 5.17 -3.28
CA GLU A 118 26.73 4.81 -4.59
C GLU A 118 26.78 5.98 -5.54
N LEU A 119 27.54 5.82 -6.64
CA LEU A 119 27.49 6.76 -7.74
C LEU A 119 26.11 6.69 -8.39
N LEU A 120 25.56 7.84 -8.76
CA LEU A 120 24.21 7.91 -9.34
C LEU A 120 24.11 7.15 -10.66
N ASP A 121 25.17 7.22 -11.47
CA ASP A 121 25.18 6.53 -12.75
C ASP A 121 25.29 5.02 -12.56
N SER A 122 25.81 4.61 -11.40
CA SER A 122 25.88 3.19 -11.05
C SER A 122 24.52 2.69 -10.59
N MET A 123 23.82 3.52 -9.82
CA MET A 123 22.48 3.20 -9.34
C MET A 123 21.49 3.14 -10.49
N ALA A 124 21.77 3.89 -11.55
CA ALA A 124 20.88 4.00 -12.70
C ALA A 124 20.88 2.71 -13.53
N GLN A 125 21.86 1.86 -13.30
CA GLN A 125 21.95 0.61 -14.04
C GLN A 125 21.59 -0.59 -13.18
N GLN A 126 21.24 -0.32 -11.92
CA GLN A 126 20.85 -1.38 -11.00
C GLN A 126 19.35 -1.62 -11.06
N THR A 127 18.93 -2.86 -10.85
CA THR A 127 17.52 -3.19 -10.89
C THR A 127 17.04 -3.71 -9.53
N PRO A 128 16.30 -2.88 -8.80
CA PRO A 128 15.72 -3.31 -7.54
C PRO A 128 14.69 -4.41 -7.79
N VAL A 129 14.57 -5.34 -6.86
CA VAL A 129 13.62 -6.43 -7.02
C VAL A 129 12.19 -5.90 -7.03
N GLY A 130 11.41 -6.33 -8.00
CA GLY A 130 9.98 -6.06 -8.00
C GLY A 130 9.42 -6.80 -6.80
N ASN A 131 8.30 -6.31 -6.27
CA ASN A 131 7.66 -6.74 -5.01
C ASN A 131 8.06 -5.80 -3.87
N ALA A 132 9.15 -5.06 -4.05
CA ALA A 132 9.64 -4.15 -3.02
C ALA A 132 8.97 -2.78 -3.08
N ALA A 133 8.64 -2.34 -4.29
CA ALA A 133 8.08 -1.01 -4.49
C ALA A 133 6.68 -0.88 -3.91
N VAL A 134 6.39 0.29 -3.35
CA VAL A 134 5.08 0.61 -2.80
C VAL A 134 4.46 1.78 -3.56
N SER A 135 3.27 1.59 -4.10
CA SER A 135 2.58 2.65 -4.82
C SER A 135 1.23 2.98 -4.18
N SER A 136 0.62 4.07 -4.64
CA SER A 136 -0.64 4.55 -4.08
C SER A 136 -1.84 3.77 -4.62
N VAL A 137 -1.57 2.67 -5.30
CA VAL A 137 -2.58 1.97 -6.07
C VAL A 137 -2.59 0.47 -5.72
N ASP A 138 -1.61 0.08 -4.91
CA ASP A 138 -1.40 -1.33 -4.53
C ASP A 138 -2.65 -2.04 -4.00
N SER A 139 -3.42 -1.37 -3.14
CA SER A 139 -4.62 -1.98 -2.57
C SER A 139 -5.63 -2.33 -3.67
N PHE A 140 -5.85 -1.38 -4.57
CA PHE A 140 -6.81 -1.56 -5.67
C PHE A 140 -6.33 -2.64 -6.64
N THR A 141 -5.03 -2.60 -6.97
CA THR A 141 -4.44 -3.57 -7.88
C THR A 141 -4.41 -4.97 -7.28
N GLN A 142 -4.05 -5.07 -6.00
CA GLN A 142 -3.96 -6.37 -5.35
C GLN A 142 -5.31 -7.09 -5.34
N PHE A 143 -6.37 -6.36 -4.97
CA PHE A 143 -7.69 -6.98 -4.93
C PHE A 143 -8.15 -7.45 -6.30
N THR A 144 -8.04 -6.57 -7.29
CA THR A 144 -8.51 -6.85 -8.64
C THR A 144 -7.79 -8.06 -9.23
N GLN A 145 -6.48 -8.14 -9.03
CA GLN A 145 -5.71 -9.27 -9.52
C GLN A 145 -6.12 -10.55 -8.80
N LYS A 146 -6.37 -10.46 -7.50
CA LYS A 146 -6.76 -11.62 -6.73
C LYS A 146 -8.20 -12.03 -7.02
N MET A 147 -9.03 -11.06 -7.36
CA MET A 147 -10.41 -11.36 -7.77
C MET A 147 -10.40 -12.17 -9.06
N LEU A 148 -9.57 -11.74 -10.02
CA LEU A 148 -9.49 -12.40 -11.31
C LEU A 148 -8.80 -13.76 -11.19
N ASP A 149 -7.78 -13.85 -10.33
CA ASP A 149 -7.11 -15.11 -10.06
C ASP A 149 -8.10 -16.10 -9.46
N ASN A 150 -8.88 -15.62 -8.50
CA ASN A 150 -9.93 -16.42 -7.87
C ASN A 150 -10.92 -16.91 -8.92
N PHE A 151 -11.29 -16.02 -9.84
CA PHE A 151 -12.19 -16.38 -10.93
C PHE A 151 -11.57 -17.46 -11.81
N TYR A 152 -10.33 -17.25 -12.23
CA TYR A 152 -9.65 -18.20 -13.09
C TYR A 152 -9.57 -19.58 -12.46
N ASN A 153 -9.07 -19.66 -11.23
CA ASN A 153 -8.92 -20.93 -10.54
C ASN A 153 -10.25 -21.67 -10.39
N PHE A 154 -11.34 -20.94 -10.31
CA PHE A 154 -12.66 -21.53 -10.19
C PHE A 154 -13.26 -21.86 -11.56
N ALA A 155 -13.25 -20.90 -12.46
CA ALA A 155 -13.96 -21.02 -13.73
C ALA A 155 -13.22 -21.83 -14.79
N SER A 156 -11.89 -21.77 -14.79
CA SER A 156 -11.10 -22.44 -15.82
C SER A 156 -11.25 -23.96 -15.77
N SER A 157 -11.64 -24.49 -14.62
CA SER A 157 -11.87 -25.92 -14.47
C SER A 157 -13.07 -26.37 -15.29
N PHE A 158 -13.87 -25.42 -15.76
CA PHE A 158 -15.09 -25.72 -16.49
C PHE A 158 -15.02 -25.21 -17.93
N ALA A 159 -13.92 -24.54 -18.27
CA ALA A 159 -13.75 -23.99 -19.60
C ALA A 159 -13.60 -25.07 -20.65
N VAL A 160 -14.22 -24.86 -21.80
CA VAL A 160 -14.16 -25.81 -22.92
C VAL A 160 -14.04 -25.07 -24.25
N SER A 161 -13.42 -25.71 -25.23
CA SER A 161 -13.40 -25.18 -26.58
C SER A 161 -14.69 -25.58 -27.27
N GLN A 162 -14.94 -25.04 -28.45
CA GLN A 162 -16.14 -25.37 -29.21
C GLN A 162 -16.15 -26.84 -29.63
N ALA A 163 -14.96 -27.37 -29.92
CA ALA A 163 -14.81 -28.76 -30.33
C ALA A 163 -15.14 -29.72 -29.19
N GLN A 164 -15.15 -29.21 -27.97
CA GLN A 164 -15.30 -30.04 -26.77
C GLN A 164 -16.70 -29.95 -26.16
N MET A 165 -17.60 -29.19 -26.79
CA MET A 165 -18.92 -28.96 -26.21
C MET A 165 -19.91 -30.06 -26.54
N THR A 166 -20.74 -30.42 -25.56
CA THR A 166 -21.89 -31.27 -25.81
C THR A 166 -22.93 -30.43 -26.55
N PRO A 167 -23.22 -30.79 -27.81
CA PRO A 167 -24.00 -29.97 -28.74
C PRO A 167 -25.40 -29.62 -28.24
N SER A 168 -25.48 -28.78 -27.20
CA SER A 168 -26.75 -28.28 -26.71
C SER A 168 -26.97 -26.86 -27.24
N PRO A 169 -28.01 -26.68 -28.06
CA PRO A 169 -28.27 -25.43 -28.78
C PRO A 169 -28.58 -24.24 -27.86
N SER A 170 -29.17 -24.50 -26.69
CA SER A 170 -29.59 -23.43 -25.80
C SER A 170 -28.65 -23.26 -24.62
N GLU A 171 -27.59 -24.06 -24.57
CA GLU A 171 -26.62 -23.99 -23.49
C GLU A 171 -25.82 -22.69 -23.56
N MET A 172 -25.86 -21.92 -22.48
CA MET A 172 -25.25 -20.59 -22.45
C MET A 172 -23.78 -20.60 -22.05
N PHE A 173 -22.97 -19.84 -22.77
CA PHE A 173 -21.55 -19.71 -22.48
C PHE A 173 -21.09 -18.26 -22.44
N ILE A 174 -19.95 -18.04 -21.81
CA ILE A 174 -19.30 -16.74 -21.80
C ILE A 174 -17.85 -16.90 -22.26
N PRO A 175 -17.46 -16.13 -23.29
CA PRO A 175 -16.10 -16.20 -23.84
C PRO A 175 -15.06 -15.87 -22.77
N ALA A 176 -14.05 -16.72 -22.63
CA ALA A 176 -13.05 -16.58 -21.57
C ALA A 176 -12.25 -15.28 -21.70
N ASN A 177 -12.08 -14.79 -22.91
CA ASN A 177 -11.23 -13.63 -23.14
C ASN A 177 -11.85 -12.30 -22.72
N VAL A 178 -13.04 -12.35 -22.12
CA VAL A 178 -13.66 -11.14 -21.59
C VAL A 178 -12.92 -10.66 -20.35
N VAL A 179 -12.20 -11.59 -19.70
CA VAL A 179 -11.44 -11.26 -18.50
C VAL A 179 -10.31 -10.30 -18.82
N LEU A 180 -9.56 -10.61 -19.88
CA LEU A 180 -8.45 -9.76 -20.29
C LEU A 180 -8.94 -8.39 -20.74
N LYS A 181 -10.04 -8.37 -21.48
CA LYS A 181 -10.61 -7.12 -21.98
C LYS A 181 -11.10 -6.24 -20.84
N TRP A 182 -11.69 -6.86 -19.82
CA TRP A 182 -12.16 -6.10 -18.67
C TRP A 182 -10.98 -5.56 -17.87
N TYR A 183 -9.96 -6.39 -17.70
CA TYR A 183 -8.80 -6.02 -16.89
C TYR A 183 -7.97 -4.91 -17.53
N GLU A 184 -7.74 -5.03 -18.84
CA GLU A 184 -7.01 -4.01 -19.58
C GLU A 184 -7.71 -2.67 -19.48
N ASN A 185 -9.03 -2.70 -19.55
CA ASN A 185 -9.83 -1.49 -19.40
C ASN A 185 -9.71 -0.92 -17.99
N PHE A 186 -9.74 -1.80 -17.00
CA PHE A 186 -9.59 -1.42 -15.61
C PHE A 186 -8.27 -0.69 -15.35
N GLN A 187 -7.20 -1.18 -15.97
CA GLN A 187 -5.88 -0.58 -15.79
C GLN A 187 -5.82 0.83 -16.36
N ARG A 188 -6.37 0.99 -17.56
CA ARG A 188 -6.46 2.30 -18.21
C ARG A 188 -7.22 3.29 -17.34
N ARG A 189 -8.31 2.82 -16.74
CA ARG A 189 -9.13 3.68 -15.89
C ARG A 189 -8.44 3.99 -14.56
N LEU A 190 -7.68 3.02 -14.06
CA LEU A 190 -6.99 3.17 -12.78
C LEU A 190 -5.79 4.11 -12.90
N ALA A 191 -5.06 3.99 -14.02
CA ALA A 191 -3.90 4.84 -14.26
C ALA A 191 -4.31 6.30 -14.40
N GLN A 192 -5.45 6.53 -15.05
CA GLN A 192 -5.93 7.88 -15.31
C GLN A 192 -6.51 8.51 -14.06
N ASN A 193 -7.08 7.67 -13.19
CA ASN A 193 -7.70 8.12 -11.96
C ASN A 193 -7.96 6.94 -11.02
N PRO A 194 -7.13 6.80 -9.98
CA PRO A 194 -7.25 5.70 -9.01
C PRO A 194 -8.61 5.70 -8.29
N LEU A 195 -9.30 6.83 -8.29
CA LEU A 195 -10.58 6.95 -7.61
C LEU A 195 -11.74 7.13 -8.59
N PHE A 196 -11.62 6.51 -9.77
CA PHE A 196 -12.67 6.60 -10.79
C PHE A 196 -13.99 6.00 -10.30
N TRP A 197 -13.87 5.09 -9.33
CA TRP A 197 -15.00 4.32 -8.81
C TRP A 197 -15.74 5.02 -7.68
N LYS A 198 -15.09 6.01 -7.06
CA LYS A 198 -15.59 6.57 -5.79
C LYS A 198 -16.88 7.37 -5.94
N THR A 199 -17.74 7.25 -4.94
CA THR A 199 -19.12 7.76 -4.91
C THR A 199 -19.68 8.19 -6.26
N SER B 1 10.83 19.33 20.32
CA SER B 1 9.79 18.71 19.50
C SER B 1 9.62 17.23 19.86
N MET B 2 8.38 16.77 19.85
CA MET B 2 8.05 15.43 20.32
C MET B 2 7.80 14.45 19.17
N PHE B 3 7.32 14.97 18.04
CA PHE B 3 6.88 14.12 16.95
C PHE B 3 7.64 14.33 15.65
N GLY B 4 7.62 13.29 14.81
CA GLY B 4 8.15 13.37 13.46
C GLY B 4 7.02 13.09 12.49
N CYS B 5 7.12 13.66 11.29
CA CYS B 5 6.10 13.47 10.27
C CYS B 5 6.76 13.33 8.91
N LEU B 6 6.34 12.32 8.15
CA LEU B 6 6.99 12.00 6.89
C LEU B 6 5.98 11.62 5.81
N VAL B 7 5.92 12.43 4.77
CA VAL B 7 5.23 12.02 3.54
C VAL B 7 6.22 11.19 2.73
N ALA B 8 5.83 9.96 2.40
CA ALA B 8 6.71 9.06 1.65
C ALA B 8 7.12 9.69 0.32
N GLY B 9 8.43 9.83 0.12
CA GLY B 9 8.96 10.43 -1.08
C GLY B 9 9.50 11.83 -0.83
N ARG B 10 9.12 12.40 0.31
CA ARG B 10 9.55 13.75 0.68
C ARG B 10 10.52 13.73 1.86
N LEU B 11 10.98 14.92 2.25
CA LEU B 11 11.87 15.06 3.40
C LEU B 11 11.08 15.09 4.70
N VAL B 12 11.57 14.35 5.69
CA VAL B 12 10.94 14.23 7.00
C VAL B 12 10.86 15.61 7.67
N GLN B 13 9.79 15.90 8.40
CA GLN B 13 9.70 17.18 9.09
C GLN B 13 9.71 16.83 10.54
N THR B 14 10.41 17.59 11.37
CA THR B 14 10.43 17.28 12.80
C THR B 14 10.04 18.45 13.69
N ALA B 15 9.74 19.58 13.06
CA ALA B 15 9.41 20.81 13.76
C ALA B 15 7.92 21.06 13.71
N ALA B 16 7.18 20.42 14.62
CA ALA B 16 5.73 20.57 14.67
C ALA B 16 5.34 21.94 15.18
N GLN B 17 4.16 22.40 14.76
CA GLN B 17 3.60 23.65 15.25
C GLN B 17 2.71 23.39 16.44
N GLN B 18 3.14 23.86 17.62
CA GLN B 18 2.31 23.74 18.81
C GLN B 18 1.21 24.80 18.79
N VAL B 19 -0.04 24.35 18.74
CA VAL B 19 -1.18 25.25 18.64
C VAL B 19 -1.94 25.31 19.96
N ALA B 20 -1.60 24.38 20.85
CA ALA B 20 -2.15 24.32 22.20
C ALA B 20 -1.22 23.47 23.05
N GLU B 21 -1.39 23.50 24.36
CA GLU B 21 -0.50 22.76 25.25
C GLU B 21 -0.56 21.25 25.00
N ASP B 22 -1.59 20.81 24.28
CA ASP B 22 -1.82 19.39 24.06
C ASP B 22 -2.05 19.02 22.59
N LYS B 23 -1.85 19.97 21.69
CA LYS B 23 -2.09 19.72 20.27
C LYS B 23 -0.98 20.25 19.36
N PHE B 24 -0.61 19.44 18.38
CA PHE B 24 0.51 19.76 17.49
C PHE B 24 0.10 19.61 16.02
N VAL B 25 0.67 20.46 15.16
CA VAL B 25 0.28 20.47 13.75
C VAL B 25 1.47 20.51 12.80
N PHE B 26 1.44 19.65 11.79
CA PHE B 26 2.36 19.73 10.65
C PHE B 26 1.61 20.26 9.43
N ASP B 27 2.27 21.12 8.66
CA ASP B 27 1.70 21.56 7.40
C ASP B 27 2.27 20.76 6.24
N LEU B 28 1.40 20.26 5.38
CA LEU B 28 1.82 19.45 4.25
C LEU B 28 1.39 20.08 2.94
N PRO B 29 2.35 20.60 2.17
CA PRO B 29 2.06 21.24 0.88
C PRO B 29 1.71 20.23 -0.21
N ASP B 30 0.84 20.65 -1.14
CA ASP B 30 0.43 19.83 -2.28
C ASP B 30 -0.05 18.45 -1.85
N TYR B 31 -1.23 18.37 -1.25
CA TYR B 31 -1.73 17.11 -0.72
C TYR B 31 -2.31 16.20 -1.79
N GLU B 32 -2.46 16.73 -3.00
CA GLU B 32 -2.96 15.93 -4.11
C GLU B 32 -1.92 14.91 -4.54
N SER B 33 -0.66 15.16 -4.16
CA SER B 33 0.44 14.25 -4.47
C SER B 33 0.84 13.43 -3.25
N ILE B 34 0.12 13.62 -2.14
CA ILE B 34 0.41 12.87 -0.91
C ILE B 34 -0.34 11.55 -0.88
N ASN B 35 0.39 10.46 -0.69
CA ASN B 35 -0.19 9.13 -0.68
C ASN B 35 -0.04 8.42 0.66
N HIS B 36 1.18 8.41 1.18
CA HIS B 36 1.46 7.81 2.49
C HIS B 36 2.15 8.79 3.42
N VAL B 37 1.62 8.89 4.63
CA VAL B 37 2.23 9.73 5.67
C VAL B 37 2.62 8.87 6.87
N VAL B 38 3.84 9.05 7.35
CA VAL B 38 4.32 8.32 8.52
C VAL B 38 4.47 9.26 9.71
N VAL B 39 3.72 9.00 10.76
CA VAL B 39 3.79 9.80 11.98
C VAL B 39 4.40 8.99 13.11
N PHE B 40 5.39 9.55 13.79
CA PHE B 40 6.13 8.81 14.80
C PHE B 40 6.66 9.69 15.92
N MET B 41 6.98 9.05 17.04
CA MET B 41 7.66 9.72 18.14
C MET B 41 9.16 9.74 17.88
N LEU B 42 9.79 10.87 18.17
CA LEU B 42 11.22 11.02 17.94
C LEU B 42 12.03 10.21 18.92
N GLY B 43 11.43 9.86 20.05
CA GLY B 43 12.09 9.09 21.08
C GLY B 43 12.80 9.98 22.08
N THR B 44 12.47 11.27 22.06
CA THR B 44 13.05 12.22 23.00
C THR B 44 12.08 12.52 24.14
N ILE B 45 10.79 12.60 23.81
CA ILE B 45 9.77 12.86 24.81
C ILE B 45 8.63 11.84 24.72
N PRO B 46 8.44 11.05 25.79
CA PRO B 46 7.34 10.08 25.85
C PRO B 46 6.03 10.71 26.32
N PHE B 47 4.90 10.10 25.97
CA PHE B 47 3.62 10.54 26.50
C PHE B 47 3.59 10.37 28.01
N PRO B 48 2.90 11.27 28.72
CA PRO B 48 2.65 11.04 30.14
C PRO B 48 1.82 9.76 30.31
N GLU B 49 1.94 9.12 31.47
CA GLU B 49 1.23 7.87 31.72
C GLU B 49 -0.28 8.03 31.59
N GLY B 50 -0.91 7.14 30.85
CA GLY B 50 -2.35 7.16 30.67
C GLY B 50 -2.78 7.97 29.45
N MET B 51 -1.81 8.53 28.74
CA MET B 51 -2.09 9.37 27.58
C MET B 51 -1.53 8.77 26.29
N GLY B 52 -2.08 9.23 25.17
CA GLY B 52 -1.60 8.85 23.85
C GLY B 52 -1.83 9.97 22.87
N GLY B 53 -1.58 9.71 21.59
CA GLY B 53 -1.72 10.73 20.57
C GLY B 53 -2.72 10.33 19.49
N SER B 54 -3.77 11.14 19.33
CA SER B 54 -4.73 10.94 18.26
C SER B 54 -4.30 11.76 17.04
N VAL B 55 -4.15 11.09 15.90
CA VAL B 55 -3.66 11.74 14.70
C VAL B 55 -4.81 12.08 13.75
N TYR B 56 -4.92 13.36 13.40
CA TYR B 56 -5.97 13.82 12.52
C TYR B 56 -5.42 14.43 11.23
N PHE B 57 -6.22 14.38 10.17
CA PHE B 57 -5.83 14.94 8.89
C PHE B 57 -6.90 15.91 8.38
N SER B 58 -6.46 17.08 7.90
CA SER B 58 -7.38 18.07 7.37
C SER B 58 -7.07 18.40 5.91
N TYR B 59 -8.10 18.37 5.07
CA TYR B 59 -7.94 18.70 3.66
C TYR B 59 -9.01 19.69 3.21
N PRO B 60 -8.60 20.74 2.49
CA PRO B 60 -9.52 21.74 1.93
C PRO B 60 -9.99 21.41 0.52
N GLY B 64 -13.41 23.61 -1.14
CA GLY B 64 -13.60 23.04 0.19
C GLY B 64 -12.96 23.86 1.28
N MET B 65 -13.30 23.51 2.51
CA MET B 65 -12.88 24.23 3.71
C MET B 65 -12.42 23.10 4.64
N PRO B 66 -11.43 23.35 5.52
CA PRO B 66 -10.77 22.30 6.31
C PRO B 66 -11.72 21.39 7.10
N VAL B 67 -11.72 20.11 6.74
CA VAL B 67 -12.45 19.09 7.49
C VAL B 67 -11.45 18.10 8.05
N TRP B 68 -11.50 17.85 9.36
CA TRP B 68 -10.55 16.95 10.00
C TRP B 68 -11.07 15.51 9.93
N GLN B 69 -10.15 14.56 10.05
CA GLN B 69 -10.50 13.14 10.04
C GLN B 69 -9.52 12.34 10.87
N LEU B 70 -10.04 11.38 11.64
CA LEU B 70 -9.18 10.55 12.49
C LEU B 70 -8.46 9.50 11.68
N LEU B 71 -7.14 9.59 11.64
CA LEU B 71 -6.31 8.63 10.90
C LEU B 71 -5.98 7.40 11.75
N GLY B 72 -5.63 7.65 13.00
CA GLY B 72 -5.23 6.57 13.90
C GLY B 72 -4.56 7.11 15.15
N PHE B 73 -3.65 6.33 15.72
CA PHE B 73 -3.02 6.71 16.97
C PHE B 73 -1.52 6.41 16.99
N VAL B 74 -0.79 7.22 17.74
CA VAL B 74 0.59 6.90 18.13
C VAL B 74 0.71 7.03 19.65
N THR B 75 1.24 6.00 20.29
CA THR B 75 1.38 5.96 21.75
C THR B 75 2.78 5.55 22.16
N ASN B 76 3.05 5.48 23.45
CA ASN B 76 4.32 4.93 23.93
C ASN B 76 4.41 3.45 23.57
N GLY B 77 3.27 2.77 23.59
CA GLY B 77 3.21 1.37 23.21
C GLY B 77 3.43 1.15 21.72
N LYS B 78 2.91 2.09 20.92
CA LYS B 78 3.07 2.03 19.46
C LYS B 78 3.54 3.38 18.92
N PRO B 79 4.85 3.68 19.08
CA PRO B 79 5.43 5.00 18.82
C PRO B 79 5.49 5.43 17.35
N SER B 80 4.95 4.62 16.44
CA SER B 80 4.94 5.00 15.03
C SER B 80 3.78 4.35 14.29
N ALA B 81 3.30 5.02 13.25
CA ALA B 81 2.18 4.52 12.46
C ALA B 81 2.21 5.04 11.03
N ILE B 82 1.79 4.21 10.09
CA ILE B 82 1.71 4.60 8.69
C ILE B 82 0.25 4.76 8.27
N PHE B 83 -0.05 5.85 7.56
CA PHE B 83 -1.42 6.12 7.13
C PHE B 83 -1.53 6.39 5.64
N LYS B 84 -2.48 5.73 4.99
CA LYS B 84 -2.82 6.02 3.60
C LYS B 84 -3.64 7.31 3.56
N ILE B 85 -3.29 8.20 2.64
CA ILE B 85 -3.93 9.51 2.58
C ILE B 85 -4.70 9.75 1.28
N SER B 86 -4.11 9.31 0.16
CA SER B 86 -4.74 9.47 -1.14
C SER B 86 -6.13 8.81 -1.17
N GLY B 87 -7.14 9.64 -1.38
CA GLY B 87 -8.53 9.20 -1.31
C GLY B 87 -9.25 9.87 -0.17
N LEU B 88 -8.65 10.92 0.37
CA LEU B 88 -9.22 11.62 1.49
C LEU B 88 -9.25 10.73 2.72
N SER B 108 -4.06 23.98 -1.56
CA SER B 108 -3.24 22.80 -1.80
C SER B 108 -2.45 22.41 -0.56
N VAL B 109 -2.75 23.05 0.57
CA VAL B 109 -2.05 22.77 1.82
C VAL B 109 -2.92 21.97 2.79
N ALA B 110 -2.43 20.80 3.19
CA ALA B 110 -3.13 19.96 4.16
C ALA B 110 -2.42 20.00 5.51
N GLN B 111 -3.05 19.41 6.51
CA GLN B 111 -2.49 19.43 7.86
C GLN B 111 -2.61 18.09 8.58
N ILE B 112 -1.52 17.69 9.22
CA ILE B 112 -1.54 16.57 10.16
C ILE B 112 -1.66 17.13 11.57
N GLY B 113 -2.69 16.71 12.30
CA GLY B 113 -2.89 17.18 13.65
C GLY B 113 -2.72 16.06 14.67
N ILE B 114 -1.90 16.32 15.67
CA ILE B 114 -1.71 15.34 16.75
C ILE B 114 -2.24 15.88 18.07
N SER B 115 -3.28 15.23 18.58
CA SER B 115 -3.91 15.66 19.81
C SER B 115 -3.60 14.70 20.96
N VAL B 116 -3.09 15.26 22.05
CA VAL B 116 -2.80 14.47 23.25
C VAL B 116 -4.09 14.13 23.99
N GLU B 117 -4.43 12.85 24.03
CA GLU B 117 -5.68 12.40 24.63
C GLU B 117 -5.46 11.30 25.65
N LEU B 118 -6.46 11.09 26.49
CA LEU B 118 -6.48 9.92 27.38
C LEU B 118 -6.59 8.66 26.53
N LEU B 119 -5.84 7.63 26.90
CA LEU B 119 -5.85 6.37 26.17
C LEU B 119 -7.24 5.75 26.18
N ASP B 120 -7.99 5.98 27.25
CA ASP B 120 -9.35 5.45 27.37
C ASP B 120 -10.30 6.15 26.40
N SER B 121 -10.05 7.42 26.14
CA SER B 121 -10.85 8.17 25.17
C SER B 121 -10.57 7.65 23.75
N MET B 122 -9.30 7.44 23.45
CA MET B 122 -8.87 6.96 22.15
C MET B 122 -9.41 5.56 21.84
N ALA B 123 -9.70 4.80 22.90
CA ALA B 123 -10.14 3.42 22.75
C ALA B 123 -11.53 3.31 22.14
N GLN B 124 -12.33 4.36 22.27
CA GLN B 124 -13.69 4.33 21.73
C GLN B 124 -13.82 5.13 20.44
N GLN B 125 -12.71 5.70 19.98
CA GLN B 125 -12.70 6.42 18.70
C GLN B 125 -12.47 5.44 17.55
N THR B 126 -13.05 5.75 16.39
CA THR B 126 -12.94 4.87 15.24
C THR B 126 -12.25 5.55 14.06
N PRO B 127 -10.98 5.20 13.81
CA PRO B 127 -10.24 5.77 12.67
C PRO B 127 -10.88 5.38 11.35
N VAL B 128 -11.06 6.36 10.46
CA VAL B 128 -11.61 6.10 9.15
C VAL B 128 -10.59 5.36 8.31
N GLY B 129 -9.32 5.51 8.67
CA GLY B 129 -8.23 5.09 7.83
C GLY B 129 -7.57 3.77 8.17
N ASN B 130 -6.37 3.62 7.64
CA ASN B 130 -5.63 2.35 7.63
C ASN B 130 -4.29 2.63 6.96
N ALA B 131 -3.34 1.72 7.12
CA ALA B 131 -2.04 1.87 6.46
C ALA B 131 -2.16 1.59 4.97
N ALA B 132 -3.14 0.77 4.60
CA ALA B 132 -3.30 0.34 3.22
C ALA B 132 -4.35 1.15 2.45
N VAL B 133 -5.45 1.50 3.13
CA VAL B 133 -6.52 2.25 2.49
C VAL B 133 -6.85 3.54 3.24
N SER B 134 -7.35 4.54 2.52
CA SER B 134 -7.73 5.80 3.13
C SER B 134 -8.99 5.65 3.96
N SER B 135 -9.88 4.75 3.51
CA SER B 135 -11.14 4.51 4.21
C SER B 135 -11.54 3.05 4.10
N VAL B 136 -11.77 2.43 5.26
CA VAL B 136 -12.20 1.04 5.33
C VAL B 136 -13.51 0.84 4.57
N ASP B 137 -14.40 1.83 4.67
CA ASP B 137 -15.70 1.73 4.05
C ASP B 137 -15.66 2.08 2.56
N SER B 138 -14.77 2.97 2.17
CA SER B 138 -14.62 3.30 0.75
C SER B 138 -14.02 2.12 -0.02
N PHE B 139 -13.08 1.42 0.60
CA PHE B 139 -12.45 0.28 -0.05
C PHE B 139 -13.44 -0.89 -0.18
N THR B 140 -14.34 -1.02 0.79
CA THR B 140 -15.39 -2.03 0.73
C THR B 140 -16.28 -1.75 -0.48
N GLN B 141 -16.56 -0.47 -0.71
CA GLN B 141 -17.36 -0.02 -1.84
C GLN B 141 -16.62 -0.33 -3.16
N PHE B 142 -15.30 -0.14 -3.16
CA PHE B 142 -14.46 -0.45 -4.32
C PHE B 142 -14.55 -1.93 -4.70
N THR B 143 -14.38 -2.81 -3.72
CA THR B 143 -14.39 -4.25 -3.97
C THR B 143 -15.74 -4.70 -4.49
N GLN B 144 -16.80 -4.08 -3.97
CA GLN B 144 -18.15 -4.42 -4.37
C GLN B 144 -18.45 -3.92 -5.79
N LYS B 145 -17.91 -2.76 -6.13
CA LYS B 145 -18.12 -2.19 -7.46
C LYS B 145 -17.33 -2.94 -8.53
N MET B 146 -16.10 -3.29 -8.24
CA MET B 146 -15.27 -4.05 -9.17
C MET B 146 -15.88 -5.42 -9.45
N LEU B 147 -16.42 -6.05 -8.40
CA LEU B 147 -17.06 -7.34 -8.55
C LEU B 147 -18.29 -7.24 -9.44
N ASP B 148 -19.11 -6.24 -9.20
CA ASP B 148 -20.32 -6.01 -9.99
C ASP B 148 -20.01 -5.61 -11.42
N ASN B 149 -19.04 -4.70 -11.57
CA ASN B 149 -18.65 -4.21 -12.89
C ASN B 149 -18.11 -5.35 -13.76
N PHE B 150 -17.28 -6.19 -13.16
CA PHE B 150 -16.68 -7.31 -13.88
C PHE B 150 -17.74 -8.34 -14.30
N TYR B 151 -18.62 -8.70 -13.38
CA TYR B 151 -19.66 -9.67 -13.71
C TYR B 151 -20.61 -9.11 -14.75
N ASN B 152 -20.99 -7.85 -14.60
CA ASN B 152 -21.89 -7.18 -15.54
C ASN B 152 -21.30 -7.15 -16.95
N PHE B 153 -20.02 -6.81 -17.03
CA PHE B 153 -19.31 -6.79 -18.32
C PHE B 153 -19.27 -8.19 -18.93
N ALA B 154 -18.83 -9.17 -18.14
CA ALA B 154 -18.70 -10.55 -18.61
C ALA B 154 -20.04 -11.14 -19.04
N SER B 155 -21.09 -10.86 -18.26
CA SER B 155 -22.43 -11.39 -18.54
C SER B 155 -22.96 -10.90 -19.88
N SER B 156 -22.54 -9.71 -20.27
CA SER B 156 -23.01 -9.07 -21.50
C SER B 156 -22.67 -9.91 -22.74
N PHE B 157 -21.59 -10.68 -22.66
CA PHE B 157 -21.12 -11.46 -23.79
C PHE B 157 -21.69 -12.88 -23.81
N ALA B 158 -22.71 -13.12 -23.01
CA ALA B 158 -23.35 -14.43 -22.94
C ALA B 158 -23.89 -14.85 -24.31
N VAL B 159 -23.55 -16.07 -24.72
CA VAL B 159 -23.96 -16.56 -26.04
C VAL B 159 -24.34 -18.04 -25.98
N SER B 160 -25.46 -18.37 -26.60
CA SER B 160 -25.87 -19.78 -26.74
C SER B 160 -25.06 -20.41 -27.85
N GLN B 161 -24.94 -21.73 -27.83
CA GLN B 161 -24.17 -22.45 -28.85
C GLN B 161 -24.70 -22.18 -30.26
N ALA B 162 -26.00 -21.92 -30.35
CA ALA B 162 -26.65 -21.65 -31.64
C ALA B 162 -26.14 -20.35 -32.28
N GLN B 163 -25.68 -19.41 -31.45
CA GLN B 163 -25.29 -18.09 -31.94
C GLN B 163 -23.78 -17.91 -32.04
N MET B 164 -23.02 -18.91 -31.64
CA MET B 164 -21.56 -18.78 -31.66
C MET B 164 -21.02 -18.87 -33.07
N THR B 165 -20.08 -17.99 -33.40
CA THR B 165 -19.39 -18.05 -34.67
C THR B 165 -18.08 -18.81 -34.49
N PRO B 166 -17.83 -19.81 -35.35
CA PRO B 166 -16.72 -20.76 -35.26
C PRO B 166 -15.35 -20.12 -34.98
N SER B 167 -14.85 -20.32 -33.77
CA SER B 167 -13.49 -19.93 -33.41
C SER B 167 -12.83 -21.09 -32.68
N PRO B 168 -11.97 -21.84 -33.38
CA PRO B 168 -11.38 -23.08 -32.86
C PRO B 168 -10.43 -22.88 -31.68
N SER B 169 -9.85 -21.68 -31.55
CA SER B 169 -8.84 -21.43 -30.53
C SER B 169 -9.38 -20.63 -29.35
N GLU B 170 -10.71 -20.53 -29.23
CA GLU B 170 -11.31 -19.78 -28.15
C GLU B 170 -11.87 -20.68 -27.05
N MET B 171 -11.64 -20.29 -25.80
CA MET B 171 -12.18 -21.04 -24.67
C MET B 171 -13.46 -20.36 -24.17
N PHE B 172 -14.43 -21.17 -23.78
CA PHE B 172 -15.71 -20.66 -23.32
C PHE B 172 -16.09 -21.23 -21.96
N ILE B 173 -16.58 -20.36 -21.09
CA ILE B 173 -17.00 -20.76 -19.75
C ILE B 173 -18.52 -20.84 -19.69
N PRO B 174 -19.04 -21.96 -19.16
CA PRO B 174 -20.48 -22.10 -18.93
C PRO B 174 -21.01 -20.93 -18.10
N ALA B 175 -22.06 -20.27 -18.59
CA ALA B 175 -22.58 -19.06 -17.94
C ALA B 175 -23.01 -19.29 -16.51
N ASN B 176 -23.53 -20.48 -16.22
CA ASN B 176 -23.95 -20.81 -14.86
C ASN B 176 -22.77 -20.90 -13.90
N VAL B 177 -21.61 -21.29 -14.43
CA VAL B 177 -20.38 -21.33 -13.63
C VAL B 177 -19.95 -19.92 -13.27
N VAL B 178 -20.03 -19.02 -14.24
CA VAL B 178 -19.70 -17.61 -14.02
C VAL B 178 -20.63 -17.00 -12.97
N LEU B 179 -21.93 -17.30 -13.10
CA LEU B 179 -22.92 -16.83 -12.14
C LEU B 179 -22.66 -17.37 -10.74
N LYS B 180 -22.30 -18.65 -10.66
CA LYS B 180 -22.05 -19.30 -9.38
C LYS B 180 -20.86 -18.68 -8.68
N TRP B 181 -19.80 -18.41 -9.45
CA TRP B 181 -18.62 -17.75 -8.90
C TRP B 181 -18.96 -16.38 -8.34
N TYR B 182 -19.78 -15.65 -9.08
CA TYR B 182 -20.20 -14.30 -8.68
C TYR B 182 -21.00 -14.35 -7.38
N GLU B 183 -21.93 -15.30 -7.30
CA GLU B 183 -22.73 -15.47 -6.10
C GLU B 183 -21.86 -15.91 -4.92
N ASN B 184 -20.90 -16.80 -5.18
CA ASN B 184 -19.97 -17.25 -4.15
C ASN B 184 -19.08 -16.12 -3.64
N PHE B 185 -18.53 -15.36 -4.58
CA PHE B 185 -17.55 -14.34 -4.23
C PHE B 185 -18.18 -13.22 -3.40
N GLN B 186 -19.37 -12.77 -3.79
CA GLN B 186 -20.01 -11.68 -3.05
C GLN B 186 -20.50 -12.18 -1.69
N ARG B 187 -20.87 -13.46 -1.63
CA ARG B 187 -21.30 -14.05 -0.37
C ARG B 187 -20.11 -14.15 0.58
N ARG B 188 -18.97 -14.55 0.05
CA ARG B 188 -17.76 -14.67 0.85
C ARG B 188 -17.19 -13.29 1.20
N LEU B 189 -17.36 -12.34 0.28
CA LEU B 189 -16.90 -10.97 0.49
C LEU B 189 -17.70 -10.30 1.61
N ALA B 190 -18.90 -10.81 1.87
CA ALA B 190 -19.77 -10.28 2.91
C ALA B 190 -19.35 -10.79 4.30
N GLN B 191 -19.06 -12.08 4.40
CA GLN B 191 -18.65 -12.69 5.67
C GLN B 191 -17.31 -12.15 6.14
N ASN B 192 -16.36 -12.13 5.22
CA ASN B 192 -15.02 -11.62 5.50
C ASN B 192 -14.51 -10.81 4.33
N PRO B 193 -14.66 -9.48 4.40
CA PRO B 193 -14.28 -8.54 3.34
C PRO B 193 -12.85 -8.72 2.82
N LEU B 194 -12.02 -9.41 3.60
CA LEU B 194 -10.62 -9.59 3.24
C LEU B 194 -10.25 -11.06 3.07
N PHE B 195 -11.24 -11.90 2.78
CA PHE B 195 -11.02 -13.33 2.63
C PHE B 195 -10.10 -13.64 1.44
N TRP B 196 -10.13 -12.76 0.45
CA TRP B 196 -9.30 -12.90 -0.73
C TRP B 196 -7.83 -12.68 -0.38
N LYS B 197 -7.60 -11.73 0.53
CA LYS B 197 -6.30 -11.46 1.17
C LYS B 197 -6.37 -10.18 2.00
#